data_1PMV
#
_entry.id   1PMV
#
_cell.length_a   48.207
_cell.length_b   73.086
_cell.length_c   106.044
_cell.angle_alpha   90.00
_cell.angle_beta   90.00
_cell.angle_gamma   90.00
#
_symmetry.space_group_name_H-M   'P 21 21 21'
#
loop_
_entity.id
_entity.type
_entity.pdbx_description
1 polymer 'Mitogen-activated protein kinase 10'
2 non-polymer 2,6-DIHYDROANTHRA/1,9-CD/PYRAZOL-6-ONE
3 water water
#
_entity_poly.entity_id   1
_entity_poly.type   'polypeptide(L)'
_entity_poly.pdbx_seq_one_letter_code
;MASKSKVDNQFYSVEVGDSTFTVLKRYQNLKPIGSGAQGIVCAAYDAVLDRNVAIKKLSRPFQNQTHAKRAYRELVLMKC
VNHKNIISLLNVFTPQKTLEEFQDVYLVMELMDANLCQVIQMELDHERMSYLLYQMLCGIKHLHSAGIIHRDLKPSNIVV
KSDCTLKILDFGLARTAGTSFMMTPYVVTRYYRAPEVILGMGYKENVDIWSVGCIMGEMVRHKILFPGRDYIDQWNKVIE
QLGTPCPEFMKKLQPTVRNYVENRPKYAGLTFPKLFPDSLFPADSEHNKLKASQARDLLSKMLVIDPAKRISVDDALQHP
YINVWYDPAEVEAPPPQIYDKQLDEREHTIEEWKELIYKEVMNS
;
_entity_poly.pdbx_strand_id   A
#
loop_
_chem_comp.id
_chem_comp.type
_chem_comp.name
_chem_comp.formula
537 non-polymer 2,6-DIHYDROANTHRA/1,9-CD/PYRAZOL-6-ONE 'C14 H8 N2 O'
#
# COMPACT_ATOMS: atom_id res chain seq x y z
N ASP A 8 3.75 38.45 13.47
CA ASP A 8 2.85 37.45 14.13
C ASP A 8 3.06 36.04 13.54
N ASN A 9 3.95 35.27 14.16
CA ASN A 9 4.26 33.94 13.66
C ASN A 9 3.23 32.89 14.13
N GLN A 10 2.92 31.96 13.24
CA GLN A 10 1.94 30.94 13.54
C GLN A 10 2.55 29.55 13.69
N PHE A 11 3.88 29.49 13.82
CA PHE A 11 4.58 28.22 13.95
C PHE A 11 5.36 28.08 15.27
N TYR A 12 5.62 26.85 15.67
CA TYR A 12 6.40 26.62 16.86
C TYR A 12 7.07 25.29 16.61
N SER A 13 8.22 25.07 17.25
CA SER A 13 8.94 23.84 17.02
C SER A 13 8.94 22.93 18.22
N VAL A 14 8.96 21.63 17.94
CA VAL A 14 8.99 20.63 18.98
C VAL A 14 9.92 19.49 18.55
N GLU A 15 10.48 18.81 19.53
CA GLU A 15 11.39 17.70 19.24
C GLU A 15 10.57 16.42 19.31
N VAL A 16 10.80 15.54 18.35
CA VAL A 16 10.13 14.24 18.29
C VAL A 16 11.12 13.29 17.64
N GLY A 17 11.35 12.17 18.30
CA GLY A 17 12.32 11.23 17.78
C GLY A 17 13.64 11.96 17.66
N ASP A 18 14.35 11.76 16.56
CA ASP A 18 15.62 12.43 16.35
C ASP A 18 15.45 13.51 15.30
N SER A 19 14.26 14.13 15.26
CA SER A 19 14.00 15.17 14.27
C SER A 19 13.15 16.28 14.86
N THR A 20 13.19 17.41 14.19
CA THR A 20 12.42 18.58 14.61
C THR A 20 11.20 18.82 13.73
N PHE A 21 10.07 19.06 14.39
CA PHE A 21 8.81 19.36 13.70
C PHE A 21 8.46 20.81 13.95
N THR A 22 8.28 21.59 12.90
CA THR A 22 7.92 22.99 13.06
C THR A 22 6.52 23.15 12.43
N VAL A 23 5.51 23.27 13.29
CA VAL A 23 4.14 23.31 12.83
C VAL A 23 3.28 24.47 13.28
N LEU A 24 2.11 24.63 12.65
CA LEU A 24 1.16 25.68 12.99
C LEU A 24 0.78 25.45 14.46
N LYS A 25 0.56 26.54 15.21
CA LYS A 25 0.24 26.42 16.61
C LYS A 25 -1.07 25.67 16.89
N ARG A 26 -1.92 25.51 15.88
CA ARG A 26 -3.17 24.82 16.05
C ARG A 26 -2.96 23.36 16.41
N TYR A 27 -1.86 22.78 15.92
CA TYR A 27 -1.50 21.40 16.19
C TYR A 27 -0.79 21.31 17.53
N GLN A 28 -1.36 20.58 18.49
CA GLN A 28 -0.78 20.49 19.83
C GLN A 28 -0.48 19.10 20.34
N ASN A 29 0.46 19.04 21.28
CA ASN A 29 0.91 17.79 21.92
C ASN A 29 1.25 16.70 20.91
N LEU A 30 2.20 16.98 20.03
CA LEU A 30 2.61 16.00 19.04
C LEU A 30 3.19 14.81 19.76
N LYS A 31 3.15 13.65 19.13
CA LYS A 31 3.67 12.41 19.71
C LYS A 31 4.02 11.43 18.59
N PRO A 32 5.23 10.84 18.62
CA PRO A 32 5.68 9.89 17.60
C PRO A 32 4.72 8.70 17.44
N ILE A 33 4.64 8.14 16.23
CA ILE A 33 3.78 6.98 15.98
C ILE A 33 4.32 6.07 14.89
N GLY A 34 5.57 6.31 14.49
CA GLY A 34 6.17 5.48 13.46
C GLY A 34 6.96 6.28 12.44
N SER A 35 7.48 5.57 11.45
CA SER A 35 8.26 6.21 10.38
C SER A 35 8.43 5.24 9.24
N GLY A 36 8.89 5.75 8.11
CA GLY A 36 9.10 4.91 6.95
C GLY A 36 9.99 5.56 5.90
N ALA A 37 9.74 5.22 4.64
CA ALA A 37 10.52 5.75 3.53
C ALA A 37 10.16 7.21 3.19
N GLN A 38 8.87 7.43 2.90
CA GLN A 38 8.36 8.76 2.57
C GLN A 38 8.69 9.79 3.67
N GLY A 39 8.70 9.35 4.93
CA GLY A 39 9.00 10.27 6.01
C GLY A 39 8.67 9.86 7.45
N ILE A 40 8.64 10.86 8.31
CA ILE A 40 8.34 10.70 9.73
C ILE A 40 6.93 11.19 10.02
N VAL A 41 6.24 10.48 10.91
CA VAL A 41 4.87 10.77 11.26
C VAL A 41 4.67 10.97 12.76
N CYS A 42 3.73 11.85 13.09
CA CYS A 42 3.37 12.20 14.46
C CYS A 42 1.87 12.19 14.67
N ALA A 43 1.47 12.09 15.92
CA ALA A 43 0.06 12.15 16.28
C ALA A 43 -0.09 13.54 16.94
N ALA A 44 -1.26 14.16 16.81
CA ALA A 44 -1.46 15.48 17.41
C ALA A 44 -2.93 15.85 17.52
N TYR A 45 -3.23 16.85 18.37
CA TYR A 45 -4.59 17.33 18.57
C TYR A 45 -4.72 18.60 17.75
N ASP A 46 -5.78 18.69 16.95
CA ASP A 46 -6.00 19.89 16.13
C ASP A 46 -7.08 20.74 16.80
N ALA A 47 -6.63 21.80 17.47
CA ALA A 47 -7.54 22.69 18.18
C ALA A 47 -8.62 23.30 17.29
N VAL A 48 -8.29 23.64 16.05
CA VAL A 48 -9.31 24.21 15.16
C VAL A 48 -10.50 23.30 14.89
N LEU A 49 -10.22 22.03 14.51
CA LEU A 49 -11.26 21.05 14.20
C LEU A 49 -11.59 20.25 15.44
N ASP A 50 -10.88 20.54 16.52
CA ASP A 50 -11.09 19.83 17.76
C ASP A 50 -11.14 18.32 17.55
N ARG A 51 -10.02 17.76 17.10
CA ARG A 51 -9.90 16.32 16.87
C ARG A 51 -8.42 15.97 16.71
N ASN A 52 -8.12 14.67 16.72
CA ASN A 52 -6.75 14.25 16.57
C ASN A 52 -6.43 14.05 15.11
N VAL A 53 -5.19 14.32 14.74
CA VAL A 53 -4.77 14.20 13.38
C VAL A 53 -3.38 13.56 13.33
N ALA A 54 -2.98 13.15 12.12
CA ALA A 54 -1.67 12.57 11.90
C ALA A 54 -0.93 13.64 11.09
N ILE A 55 0.32 13.89 11.45
CA ILE A 55 1.12 14.92 10.77
C ILE A 55 2.38 14.25 10.27
N LYS A 56 2.54 14.28 8.96
CA LYS A 56 3.67 13.64 8.30
C LYS A 56 4.63 14.67 7.74
N LYS A 57 5.90 14.58 8.09
CA LYS A 57 6.88 15.53 7.59
C LYS A 57 7.73 15.03 6.44
N LEU A 58 7.60 15.68 5.28
CA LEU A 58 8.43 15.34 4.13
C LEU A 58 9.61 16.30 4.17
N SER A 59 10.78 15.76 4.47
CA SER A 59 12.00 16.57 4.51
C SER A 59 12.63 16.62 3.11
N ARG A 60 12.76 17.82 2.55
CA ARG A 60 13.33 18.06 1.21
C ARG A 60 12.85 17.01 0.19
N PRO A 61 11.54 17.00 -0.10
CA PRO A 61 10.91 16.07 -1.03
C PRO A 61 11.54 16.13 -2.44
N PHE A 62 12.07 17.29 -2.79
CA PHE A 62 12.70 17.53 -4.09
C PHE A 62 14.14 17.01 -4.19
N GLN A 63 14.62 16.31 -3.17
CA GLN A 63 16.00 15.80 -3.18
C GLN A 63 16.40 14.92 -4.37
N ASN A 64 15.48 14.10 -4.88
CA ASN A 64 15.75 13.28 -6.07
C ASN A 64 14.48 13.18 -6.90
N GLN A 65 14.64 12.89 -8.19
CA GLN A 65 13.52 12.81 -9.12
C GLN A 65 12.34 11.99 -8.64
N THR A 66 12.60 10.72 -8.36
CA THR A 66 11.56 9.79 -7.96
C THR A 66 10.88 10.21 -6.66
N HIS A 67 11.68 10.65 -5.72
CA HIS A 67 11.16 11.07 -4.45
C HIS A 67 10.26 12.30 -4.63
N ALA A 68 10.65 13.18 -5.54
CA ALA A 68 9.90 14.39 -5.80
C ALA A 68 8.63 14.13 -6.61
N LYS A 69 8.67 13.15 -7.50
CA LYS A 69 7.51 12.82 -8.32
C LYS A 69 6.46 12.22 -7.43
N ARG A 70 6.91 11.44 -6.46
CA ARG A 70 6.05 10.79 -5.49
C ARG A 70 5.34 11.83 -4.64
N ALA A 71 6.11 12.76 -4.09
CA ALA A 71 5.53 13.81 -3.26
C ALA A 71 4.49 14.62 -4.02
N TYR A 72 4.89 15.19 -5.16
CA TYR A 72 3.99 15.98 -5.97
C TYR A 72 2.69 15.23 -6.31
N ARG A 73 2.85 13.99 -6.78
CA ARG A 73 1.74 13.16 -7.17
C ARG A 73 0.82 12.87 -5.97
N GLU A 74 1.41 12.38 -4.90
CA GLU A 74 0.59 12.07 -3.75
C GLU A 74 -0.13 13.34 -3.32
N LEU A 75 0.55 14.47 -3.41
CA LEU A 75 -0.04 15.75 -3.02
C LEU A 75 -1.21 16.18 -3.93
N VAL A 76 -1.07 16.01 -5.24
CA VAL A 76 -2.15 16.39 -6.16
C VAL A 76 -3.33 15.42 -6.08
N LEU A 77 -3.06 14.14 -5.92
CA LEU A 77 -4.11 13.15 -5.85
C LEU A 77 -4.84 13.07 -4.51
N MET A 78 -4.17 13.50 -3.44
CA MET A 78 -4.73 13.46 -2.11
C MET A 78 -5.83 14.50 -1.89
N LYS A 79 -5.91 15.46 -2.80
CA LYS A 79 -6.92 16.51 -2.69
C LYS A 79 -8.08 16.22 -3.64
N CYS A 80 -7.74 15.59 -4.77
CA CYS A 80 -8.70 15.20 -5.79
C CYS A 80 -9.58 14.00 -5.40
N VAL A 81 -8.96 12.84 -5.15
CA VAL A 81 -9.73 11.65 -4.78
C VAL A 81 -10.21 11.79 -3.34
N ASN A 82 -11.35 11.16 -3.07
CA ASN A 82 -11.91 11.24 -1.75
C ASN A 82 -12.80 10.03 -1.49
N HIS A 83 -12.18 8.88 -1.22
CA HIS A 83 -12.91 7.66 -0.96
C HIS A 83 -12.75 7.30 0.51
N LYS A 84 -13.73 6.61 1.07
CA LYS A 84 -13.70 6.22 2.47
C LYS A 84 -12.58 5.24 2.83
N ASN A 85 -11.89 4.72 1.83
CA ASN A 85 -10.81 3.77 2.07
C ASN A 85 -9.43 4.33 1.72
N ILE A 86 -9.39 5.56 1.20
CA ILE A 86 -8.14 6.25 0.89
C ILE A 86 -7.92 7.32 1.99
N ILE A 87 -6.72 7.36 2.54
CA ILE A 87 -6.38 8.32 3.58
C ILE A 87 -6.66 9.76 3.10
N SER A 88 -7.42 10.49 3.91
CA SER A 88 -7.79 11.86 3.56
C SER A 88 -6.82 12.91 4.10
N LEU A 89 -6.46 13.83 3.21
CA LEU A 89 -5.57 14.92 3.52
C LEU A 89 -6.38 16.04 4.13
N LEU A 90 -6.01 16.47 5.33
CA LEU A 90 -6.74 17.52 6.02
C LEU A 90 -6.20 18.92 5.75
N ASN A 91 -4.87 19.03 5.70
CA ASN A 91 -4.21 20.30 5.51
C ASN A 91 -2.75 20.10 5.04
N VAL A 92 -2.18 21.06 4.34
CA VAL A 92 -0.79 20.98 3.90
C VAL A 92 -0.12 22.32 4.10
N PHE A 93 1.10 22.32 4.61
CA PHE A 93 1.80 23.60 4.85
C PHE A 93 3.31 23.47 4.96
N THR A 94 3.97 24.60 4.76
CA THR A 94 5.41 24.65 4.89
C THR A 94 5.73 25.84 5.80
N PRO A 95 6.66 25.66 6.75
CA PRO A 95 7.04 26.75 7.66
C PRO A 95 7.84 27.81 6.89
N GLN A 96 8.55 27.38 5.85
CA GLN A 96 9.36 28.29 5.07
C GLN A 96 8.44 29.20 4.28
N LYS A 97 8.85 30.47 4.13
CA LYS A 97 8.02 31.44 3.44
C LYS A 97 8.45 31.97 2.08
N THR A 98 9.55 31.45 1.55
CA THR A 98 10.05 31.86 0.24
C THR A 98 10.51 30.59 -0.43
N LEU A 99 10.51 30.60 -1.76
CA LEU A 99 10.94 29.43 -2.53
C LEU A 99 12.40 29.15 -2.24
N GLU A 100 13.17 30.21 -2.09
CA GLU A 100 14.61 30.07 -1.84
C GLU A 100 14.83 29.24 -0.56
N GLU A 101 14.13 29.61 0.51
CA GLU A 101 14.25 28.90 1.79
C GLU A 101 13.43 27.61 1.96
N PHE A 102 12.44 27.44 1.09
CA PHE A 102 11.57 26.28 1.13
C PHE A 102 12.33 24.98 1.42
N GLN A 103 11.96 24.27 2.49
CA GLN A 103 12.66 23.04 2.81
C GLN A 103 11.77 21.82 3.05
N ASP A 104 10.85 21.97 3.99
CA ASP A 104 9.97 20.89 4.38
C ASP A 104 8.50 21.11 4.08
N VAL A 105 7.79 19.99 3.98
CA VAL A 105 6.36 19.97 3.70
C VAL A 105 5.70 19.12 4.76
N TYR A 106 4.57 19.60 5.28
CA TYR A 106 3.82 18.87 6.29
C TYR A 106 2.42 18.53 5.80
N LEU A 107 2.10 17.25 5.84
CA LEU A 107 0.80 16.76 5.43
C LEU A 107 0.02 16.39 6.70
N VAL A 108 -1.18 16.95 6.86
CA VAL A 108 -1.99 16.65 8.02
C VAL A 108 -3.11 15.73 7.54
N MET A 109 -3.22 14.55 8.15
CA MET A 109 -4.23 13.58 7.75
C MET A 109 -5.04 13.08 8.91
N GLU A 110 -6.08 12.34 8.59
CA GLU A 110 -6.88 11.72 9.61
C GLU A 110 -5.95 10.74 10.38
N LEU A 111 -6.18 10.64 11.68
CA LEU A 111 -5.37 9.76 12.51
C LEU A 111 -6.02 8.38 12.62
N MET A 112 -5.19 7.35 12.47
CA MET A 112 -5.60 5.98 12.57
C MET A 112 -4.95 5.37 13.81
N ASP A 113 -5.29 4.13 14.17
CA ASP A 113 -4.71 3.55 15.38
C ASP A 113 -3.50 2.65 15.14
N ALA A 114 -3.35 2.10 13.95
CA ALA A 114 -2.21 1.24 13.68
C ALA A 114 -2.11 0.93 12.21
N ASN A 115 -0.93 0.52 11.76
CA ASN A 115 -0.80 0.14 10.39
C ASN A 115 -0.99 -1.38 10.41
N LEU A 116 -1.12 -1.96 9.22
CA LEU A 116 -1.34 -3.37 9.07
C LEU A 116 -0.20 -4.25 9.56
N CYS A 117 1.02 -3.73 9.62
CA CYS A 117 2.12 -4.55 10.11
C CYS A 117 1.78 -5.09 11.49
N GLN A 118 1.15 -4.24 12.29
CA GLN A 118 0.79 -4.64 13.64
C GLN A 118 -0.34 -5.65 13.68
N VAL A 119 -1.32 -5.49 12.79
CA VAL A 119 -2.47 -6.41 12.72
C VAL A 119 -1.97 -7.80 12.39
N ILE A 120 -0.98 -7.83 11.53
CA ILE A 120 -0.36 -9.05 11.09
C ILE A 120 0.18 -9.85 12.29
N GLN A 121 0.82 -9.17 13.23
CA GLN A 121 1.35 -9.84 14.40
C GLN A 121 0.28 -10.52 15.29
N MET A 122 -1.00 -10.38 14.95
CA MET A 122 -2.07 -11.01 15.75
C MET A 122 -3.05 -11.86 14.92
N GLU A 123 -3.96 -12.55 15.58
CA GLU A 123 -4.94 -13.36 14.86
C GLU A 123 -6.27 -12.65 14.82
N LEU A 124 -6.96 -12.76 13.70
CA LEU A 124 -8.25 -12.11 13.57
C LEU A 124 -9.29 -13.17 13.32
N ASP A 125 -10.52 -12.89 13.72
CA ASP A 125 -11.59 -13.83 13.48
C ASP A 125 -11.99 -13.60 12.03
N HIS A 126 -12.72 -14.55 11.48
CA HIS A 126 -13.14 -14.48 10.10
C HIS A 126 -13.91 -13.20 9.78
N GLU A 127 -14.71 -12.74 10.73
CA GLU A 127 -15.48 -11.54 10.53
C GLU A 127 -14.55 -10.32 10.34
N ARG A 128 -13.62 -10.09 11.26
CA ARG A 128 -12.69 -8.98 11.11
C ARG A 128 -11.83 -9.09 9.84
N MET A 129 -11.15 -10.21 9.67
CA MET A 129 -10.30 -10.38 8.51
C MET A 129 -11.03 -10.12 7.18
N SER A 130 -12.25 -10.63 7.03
CA SER A 130 -12.99 -10.42 5.77
C SER A 130 -13.37 -8.96 5.57
N TYR A 131 -13.69 -8.27 6.66
CA TYR A 131 -14.04 -6.87 6.59
C TYR A 131 -12.81 -6.03 6.18
N LEU A 132 -11.66 -6.36 6.76
CA LEU A 132 -10.45 -5.63 6.42
C LEU A 132 -10.12 -5.79 4.95
N LEU A 133 -10.30 -7.01 4.48
CA LEU A 133 -10.04 -7.32 3.10
C LEU A 133 -11.07 -6.65 2.19
N TYR A 134 -12.32 -6.59 2.65
CA TYR A 134 -13.34 -5.98 1.84
C TYR A 134 -13.00 -4.53 1.54
N GLN A 135 -12.65 -3.79 2.58
CA GLN A 135 -12.28 -2.38 2.48
C GLN A 135 -11.02 -2.18 1.66
N MET A 136 -10.15 -3.18 1.68
CA MET A 136 -8.91 -3.10 0.96
C MET A 136 -9.16 -3.19 -0.53
N LEU A 137 -9.98 -4.17 -0.92
CA LEU A 137 -10.29 -4.37 -2.33
C LEU A 137 -11.16 -3.21 -2.84
N CYS A 138 -12.01 -2.69 -1.96
CA CYS A 138 -12.91 -1.60 -2.30
C CYS A 138 -12.07 -0.34 -2.65
N GLY A 139 -11.03 -0.09 -1.86
CA GLY A 139 -10.19 1.06 -2.09
C GLY A 139 -9.43 0.90 -3.39
N ILE A 140 -9.01 -0.33 -3.67
CA ILE A 140 -8.28 -0.63 -4.88
C ILE A 140 -9.17 -0.45 -6.09
N LYS A 141 -10.47 -0.77 -5.94
CA LYS A 141 -11.39 -0.62 -7.06
C LYS A 141 -11.63 0.85 -7.41
N HIS A 142 -11.66 1.70 -6.38
CA HIS A 142 -11.84 3.12 -6.59
C HIS A 142 -10.63 3.68 -7.32
N LEU A 143 -9.44 3.28 -6.90
CA LEU A 143 -8.22 3.73 -7.54
C LEU A 143 -8.16 3.30 -8.98
N HIS A 144 -8.63 2.09 -9.23
CA HIS A 144 -8.63 1.53 -10.57
C HIS A 144 -9.55 2.30 -11.51
N SER A 145 -10.74 2.61 -11.02
CA SER A 145 -11.76 3.34 -11.78
C SER A 145 -11.33 4.79 -12.03
N ALA A 146 -10.23 5.19 -11.40
CA ALA A 146 -9.68 6.54 -11.57
C ALA A 146 -8.43 6.43 -12.42
N GLY A 147 -8.24 5.25 -13.01
CA GLY A 147 -7.07 5.01 -13.84
C GLY A 147 -5.77 4.77 -13.09
N ILE A 148 -5.84 4.64 -11.77
CA ILE A 148 -4.64 4.40 -10.99
C ILE A 148 -4.51 2.93 -10.64
N ILE A 149 -3.32 2.40 -10.83
CA ILE A 149 -3.00 1.02 -10.50
C ILE A 149 -1.80 1.07 -9.57
N HIS A 150 -2.05 0.85 -8.29
CA HIS A 150 -1.04 0.93 -7.25
C HIS A 150 0.29 0.28 -7.54
N ARG A 151 0.29 -1.04 -7.50
CA ARG A 151 1.50 -1.81 -7.75
C ARG A 151 2.49 -1.83 -6.61
N ASP A 152 2.20 -1.15 -5.52
CA ASP A 152 3.14 -1.17 -4.41
C ASP A 152 2.47 -1.35 -3.05
N LEU A 153 1.34 -2.06 -3.03
CA LEU A 153 0.61 -2.29 -1.78
C LEU A 153 1.34 -3.18 -0.82
N LYS A 154 1.46 -2.70 0.41
CA LYS A 154 2.13 -3.44 1.48
C LYS A 154 1.51 -3.05 2.79
N PRO A 155 1.74 -3.86 3.85
CA PRO A 155 1.18 -3.60 5.19
C PRO A 155 1.55 -2.26 5.80
N SER A 156 2.76 -1.77 5.53
CA SER A 156 3.19 -0.50 6.10
C SER A 156 2.42 0.68 5.47
N ASN A 157 1.88 0.45 4.28
CA ASN A 157 1.10 1.45 3.55
C ASN A 157 -0.38 1.43 3.89
N ILE A 158 -0.77 0.62 4.86
CA ILE A 158 -2.17 0.53 5.21
C ILE A 158 -2.37 0.69 6.70
N VAL A 159 -3.37 1.48 7.06
CA VAL A 159 -3.66 1.73 8.45
C VAL A 159 -5.11 1.44 8.79
N VAL A 160 -5.34 1.15 10.05
CA VAL A 160 -6.69 0.83 10.53
C VAL A 160 -6.93 1.47 11.89
N LYS A 161 -8.21 1.50 12.25
CA LYS A 161 -8.65 2.03 13.55
C LYS A 161 -9.33 0.90 14.30
N SER A 162 -9.61 1.16 15.57
CA SER A 162 -10.26 0.19 16.43
C SER A 162 -11.59 -0.29 15.89
N ASP A 163 -12.39 0.64 15.37
CA ASP A 163 -13.70 0.30 14.82
C ASP A 163 -13.59 -0.49 13.54
N CYS A 164 -12.41 -1.05 13.30
CA CYS A 164 -12.11 -1.87 12.12
C CYS A 164 -12.06 -1.15 10.79
N THR A 165 -12.03 0.16 10.81
CA THR A 165 -11.98 0.91 9.56
C THR A 165 -10.56 0.86 8.95
N LEU A 166 -10.52 0.85 7.62
CA LEU A 166 -9.25 0.73 6.92
C LEU A 166 -9.04 1.75 5.83
N LYS A 167 -7.81 2.19 5.70
CA LYS A 167 -7.47 3.14 4.68
C LYS A 167 -6.08 2.89 4.14
N ILE A 168 -5.96 3.04 2.83
CA ILE A 168 -4.72 2.87 2.16
C ILE A 168 -4.00 4.22 2.18
N LEU A 169 -2.70 4.19 2.38
CA LEU A 169 -1.93 5.41 2.45
C LEU A 169 -1.59 5.95 1.04
N ASP A 170 -0.37 5.78 0.59
CA ASP A 170 0.07 6.28 -0.71
C ASP A 170 -0.76 5.81 -1.94
N PHE A 171 -0.38 6.27 -3.13
CA PHE A 171 -1.04 5.90 -4.37
C PHE A 171 -0.22 4.96 -5.25
N GLY A 172 0.91 4.52 -4.70
CA GLY A 172 1.76 3.58 -5.41
C GLY A 172 2.81 4.19 -6.31
N LEU A 173 3.33 3.38 -7.21
CA LEU A 173 4.34 3.76 -8.17
C LEU A 173 3.71 4.48 -9.35
N ALA A 174 4.55 5.22 -10.08
CA ALA A 174 4.08 5.97 -11.25
C ALA A 174 4.05 5.07 -12.46
N SER A 180 14.86 5.61 -11.42
CA SER A 180 16.21 6.18 -11.12
C SER A 180 16.90 5.44 -9.97
N PHE A 181 18.23 5.48 -9.98
CA PHE A 181 19.05 4.83 -8.96
C PHE A 181 18.80 5.40 -7.57
N MET A 182 18.95 4.56 -6.56
CA MET A 182 18.76 4.99 -5.17
C MET A 182 19.70 4.20 -4.24
N MET A 183 20.23 4.90 -3.23
CA MET A 183 21.13 4.29 -2.23
C MET A 183 20.71 4.71 -0.82
N THR A 184 19.69 5.59 -0.73
CA THR A 184 19.20 6.10 0.56
C THR A 184 18.80 4.96 1.52
N PRO A 185 18.78 5.25 2.84
CA PRO A 185 18.42 4.26 3.87
C PRO A 185 17.11 3.50 3.61
N TYR A 186 16.28 4.02 2.71
CA TYR A 186 15.00 3.39 2.36
C TYR A 186 15.20 1.94 1.90
N VAL A 187 14.54 1.00 2.58
CA VAL A 187 14.64 -0.42 2.25
C VAL A 187 14.27 -0.75 0.81
N VAL A 188 14.65 -1.96 0.37
CA VAL A 188 14.36 -2.42 -0.99
C VAL A 188 13.20 -3.42 -1.01
N THR A 189 12.12 -3.09 -0.30
CA THR A 189 10.95 -3.97 -0.24
C THR A 189 10.40 -4.26 -1.63
N ARG A 190 10.01 -5.51 -1.85
CA ARG A 190 9.46 -5.93 -3.12
C ARG A 190 8.81 -7.30 -2.92
N TYR A 191 8.64 -7.68 -1.66
CA TYR A 191 8.04 -8.95 -1.32
C TYR A 191 6.63 -9.02 -1.85
N TYR A 192 6.00 -7.87 -2.04
CA TYR A 192 4.62 -7.82 -2.48
C TYR A 192 4.39 -7.52 -3.95
N ARG A 193 5.47 -7.41 -4.71
CA ARG A 193 5.43 -7.11 -6.13
C ARG A 193 4.99 -8.30 -6.99
N ALA A 194 3.98 -8.10 -7.83
CA ALA A 194 3.53 -9.17 -8.70
C ALA A 194 4.62 -9.70 -9.63
N PRO A 195 4.57 -11.01 -9.95
CA PRO A 195 5.51 -11.72 -10.82
C PRO A 195 5.75 -11.02 -12.17
N GLU A 196 4.65 -10.72 -12.88
CA GLU A 196 4.76 -10.05 -14.17
C GLU A 196 5.52 -8.74 -14.05
N VAL A 197 5.33 -8.04 -12.93
CA VAL A 197 6.01 -6.78 -12.71
C VAL A 197 7.47 -7.01 -12.40
N ILE A 198 7.79 -8.22 -11.98
CA ILE A 198 9.16 -8.58 -11.63
C ILE A 198 9.97 -8.98 -12.86
N LEU A 199 9.41 -9.91 -13.64
CA LEU A 199 10.09 -10.40 -14.83
C LEU A 199 9.90 -9.45 -16.01
N GLY A 200 9.68 -8.18 -15.70
CA GLY A 200 9.53 -7.17 -16.74
C GLY A 200 8.32 -7.31 -17.65
N MET A 201 7.43 -8.24 -17.34
CA MET A 201 6.22 -8.41 -18.14
C MET A 201 5.34 -7.17 -17.96
N GLY A 202 4.39 -6.99 -18.87
CA GLY A 202 3.49 -5.86 -18.76
C GLY A 202 2.50 -6.20 -17.65
N TYR A 203 1.66 -5.26 -17.25
CA TYR A 203 0.72 -5.54 -16.18
C TYR A 203 -0.62 -4.84 -16.38
N LYS A 204 -1.62 -5.29 -15.64
CA LYS A 204 -2.96 -4.68 -15.72
C LYS A 204 -3.54 -4.56 -14.32
N GLU A 205 -4.73 -3.99 -14.22
CA GLU A 205 -5.40 -3.79 -12.95
C GLU A 205 -5.18 -4.91 -11.90
N ASN A 206 -5.46 -6.16 -12.29
CA ASN A 206 -5.34 -7.29 -11.39
C ASN A 206 -3.95 -7.54 -10.82
N VAL A 207 -2.99 -6.70 -11.21
CA VAL A 207 -1.64 -6.81 -10.68
C VAL A 207 -1.67 -6.47 -9.18
N ASP A 208 -2.72 -5.78 -8.75
CA ASP A 208 -2.85 -5.42 -7.36
C ASP A 208 -3.42 -6.57 -6.52
N ILE A 209 -4.17 -7.48 -7.16
CA ILE A 209 -4.75 -8.63 -6.49
C ILE A 209 -3.62 -9.48 -5.89
N TRP A 210 -2.47 -9.54 -6.57
CA TRP A 210 -1.34 -10.31 -6.08
C TRP A 210 -0.84 -9.77 -4.72
N SER A 211 -0.79 -8.46 -4.60
CA SER A 211 -0.35 -7.82 -3.37
C SER A 211 -1.35 -8.12 -2.26
N VAL A 212 -2.63 -7.96 -2.54
CA VAL A 212 -3.64 -8.23 -1.55
C VAL A 212 -3.46 -9.70 -1.09
N GLY A 213 -3.16 -10.57 -2.05
CA GLY A 213 -2.94 -11.96 -1.79
C GLY A 213 -1.81 -12.18 -0.83
N CYS A 214 -0.69 -11.50 -1.07
CA CYS A 214 0.48 -11.58 -0.23
C CYS A 214 0.17 -11.06 1.15
N ILE A 215 -0.66 -10.04 1.21
CA ILE A 215 -1.01 -9.44 2.48
C ILE A 215 -1.97 -10.30 3.25
N MET A 216 -2.92 -10.89 2.54
CA MET A 216 -3.91 -11.76 3.16
C MET A 216 -3.23 -13.00 3.70
N GLY A 217 -2.33 -13.54 2.90
CA GLY A 217 -1.61 -14.73 3.29
C GLY A 217 -0.76 -14.43 4.48
N GLU A 218 -0.21 -13.22 4.52
CA GLU A 218 0.61 -12.81 5.64
C GLU A 218 -0.19 -12.58 6.92
N MET A 219 -1.44 -12.16 6.80
CA MET A 219 -2.28 -11.94 7.97
C MET A 219 -2.67 -13.27 8.61
N VAL A 220 -2.68 -14.34 7.81
CA VAL A 220 -3.02 -15.67 8.28
C VAL A 220 -1.79 -16.38 8.87
N ARG A 221 -0.71 -16.39 8.12
CA ARG A 221 0.54 -17.01 8.55
C ARG A 221 1.35 -16.15 9.50
N HIS A 222 1.10 -14.85 9.46
CA HIS A 222 1.80 -13.89 10.30
C HIS A 222 3.27 -13.91 9.93
N LYS A 223 3.56 -14.12 8.66
CA LYS A 223 4.94 -14.18 8.20
C LYS A 223 4.96 -13.76 6.76
N ILE A 224 6.00 -13.04 6.35
CA ILE A 224 6.13 -12.62 4.97
C ILE A 224 6.11 -13.89 4.11
N LEU A 225 5.17 -13.98 3.18
CA LEU A 225 5.08 -15.16 2.33
C LEU A 225 6.32 -15.38 1.49
N PHE A 226 6.84 -14.31 0.89
CA PHE A 226 7.99 -14.42 0.01
C PHE A 226 9.14 -13.53 0.43
N PRO A 227 9.99 -14.03 1.35
CA PRO A 227 11.14 -13.28 1.84
C PRO A 227 12.28 -13.31 0.80
N GLY A 228 12.58 -12.17 0.20
CA GLY A 228 13.63 -12.14 -0.81
C GLY A 228 14.62 -11.02 -0.63
N ARG A 229 15.88 -11.39 -0.47
CA ARG A 229 16.97 -10.41 -0.31
C ARG A 229 17.04 -9.53 -1.54
N ASP A 230 17.02 -10.21 -2.69
CA ASP A 230 17.05 -9.54 -3.97
C ASP A 230 15.94 -10.14 -4.82
N TYR A 231 15.47 -9.35 -5.79
CA TYR A 231 14.41 -9.76 -6.68
C TYR A 231 14.66 -11.16 -7.26
N ILE A 232 15.93 -11.58 -7.30
CA ILE A 232 16.28 -12.91 -7.80
C ILE A 232 15.92 -13.95 -6.74
N ASP A 233 16.34 -13.70 -5.51
CA ASP A 233 16.06 -14.60 -4.39
C ASP A 233 14.56 -14.72 -4.12
N GLN A 234 13.84 -13.64 -4.35
CA GLN A 234 12.41 -13.65 -4.12
C GLN A 234 11.69 -14.62 -5.04
N TRP A 235 12.05 -14.57 -6.32
CA TRP A 235 11.44 -15.46 -7.29
C TRP A 235 11.54 -16.92 -6.88
N ASN A 236 12.57 -17.26 -6.11
CA ASN A 236 12.72 -18.62 -5.67
C ASN A 236 11.65 -18.98 -4.64
N LYS A 237 11.54 -18.15 -3.62
CA LYS A 237 10.56 -18.37 -2.57
C LYS A 237 9.18 -18.50 -3.21
N VAL A 238 8.94 -17.74 -4.27
CA VAL A 238 7.66 -17.82 -4.95
C VAL A 238 7.44 -19.21 -5.55
N ILE A 239 8.38 -19.66 -6.37
CA ILE A 239 8.25 -20.97 -7.01
C ILE A 239 8.21 -22.13 -6.04
N GLU A 240 9.03 -22.06 -4.99
CA GLU A 240 9.06 -23.14 -4.00
C GLU A 240 7.70 -23.45 -3.40
N GLN A 241 7.01 -22.40 -2.97
CA GLN A 241 5.71 -22.56 -2.35
C GLN A 241 4.59 -22.73 -3.37
N LEU A 242 4.57 -21.89 -4.39
CA LEU A 242 3.51 -21.99 -5.39
C LEU A 242 3.77 -22.97 -6.51
N GLY A 243 5.02 -23.41 -6.66
CA GLY A 243 5.36 -24.32 -7.73
C GLY A 243 5.80 -23.54 -8.95
N THR A 244 6.32 -24.22 -9.95
CA THR A 244 6.77 -23.57 -11.19
C THR A 244 5.56 -23.21 -12.05
N PRO A 245 5.61 -22.04 -12.73
CA PRO A 245 4.53 -21.59 -13.61
C PRO A 245 4.37 -22.56 -14.78
N CYS A 246 3.18 -22.57 -15.39
CA CYS A 246 2.91 -23.45 -16.52
C CYS A 246 3.69 -22.98 -17.76
N PRO A 247 4.16 -23.94 -18.59
CA PRO A 247 4.92 -23.65 -19.81
C PRO A 247 4.39 -22.46 -20.60
N GLU A 248 3.08 -22.45 -20.82
CA GLU A 248 2.41 -21.37 -21.54
C GLU A 248 2.84 -20.03 -20.98
N PHE A 249 2.78 -19.89 -19.65
CA PHE A 249 3.17 -18.66 -19.00
C PHE A 249 4.55 -18.26 -19.53
N MET A 250 5.51 -19.17 -19.42
CA MET A 250 6.89 -18.95 -19.88
C MET A 250 6.99 -18.43 -21.32
N LYS A 251 6.17 -18.99 -22.21
CA LYS A 251 6.16 -18.59 -23.61
C LYS A 251 5.96 -17.08 -23.67
N LYS A 252 5.37 -16.52 -22.61
CA LYS A 252 5.12 -15.10 -22.56
C LYS A 252 6.28 -14.26 -22.03
N LEU A 253 7.31 -14.92 -21.54
CA LEU A 253 8.51 -14.25 -21.00
C LEU A 253 9.52 -13.85 -22.06
N GLN A 254 10.16 -12.70 -21.86
CA GLN A 254 11.18 -12.23 -22.79
C GLN A 254 12.24 -13.30 -22.92
N PRO A 255 13.02 -13.27 -24.02
CA PRO A 255 14.07 -14.28 -24.22
C PRO A 255 15.07 -14.27 -23.08
N THR A 256 15.57 -13.08 -22.74
CA THR A 256 16.54 -12.95 -21.66
C THR A 256 15.99 -13.52 -20.35
N VAL A 257 14.68 -13.38 -20.16
CA VAL A 257 14.04 -13.88 -18.94
C VAL A 257 13.59 -15.34 -19.02
N ARG A 258 12.72 -15.65 -19.98
CA ARG A 258 12.24 -17.02 -20.14
C ARG A 258 13.42 -17.99 -20.04
N ASN A 259 14.59 -17.52 -20.44
CA ASN A 259 15.78 -18.34 -20.41
C ASN A 259 16.19 -18.64 -18.98
N TYR A 260 16.34 -17.58 -18.20
CA TYR A 260 16.71 -17.72 -16.79
C TYR A 260 15.66 -18.50 -16.02
N VAL A 261 14.40 -18.16 -16.25
CA VAL A 261 13.27 -18.82 -15.58
C VAL A 261 13.13 -20.31 -15.90
N GLU A 262 13.14 -20.65 -17.19
CA GLU A 262 13.00 -22.04 -17.61
C GLU A 262 14.21 -22.90 -17.24
N ASN A 263 15.34 -22.25 -16.95
CA ASN A 263 16.55 -22.98 -16.55
C ASN A 263 16.77 -22.91 -15.06
N ARG A 264 15.69 -22.56 -14.36
CA ARG A 264 15.71 -22.46 -12.91
C ARG A 264 15.14 -23.78 -12.41
N PRO A 265 15.69 -24.30 -11.29
CA PRO A 265 15.25 -25.56 -10.69
C PRO A 265 13.72 -25.60 -10.64
N LYS A 266 13.11 -26.64 -11.21
CA LYS A 266 11.65 -26.73 -11.23
C LYS A 266 11.09 -27.03 -9.83
N TYR A 267 9.79 -26.82 -9.64
CA TYR A 267 9.16 -27.06 -8.33
C TYR A 267 7.68 -27.45 -8.40
N ALA A 268 7.26 -28.31 -7.47
CA ALA A 268 5.87 -28.74 -7.42
C ALA A 268 5.08 -27.73 -6.60
N GLY A 269 5.74 -27.13 -5.61
CA GLY A 269 5.08 -26.14 -4.79
C GLY A 269 4.00 -26.73 -3.89
N LEU A 270 4.09 -26.41 -2.60
CA LEU A 270 3.14 -26.89 -1.60
C LEU A 270 1.71 -26.45 -1.92
N THR A 271 0.75 -27.35 -1.71
CA THR A 271 -0.66 -27.08 -1.94
C THR A 271 -1.15 -25.94 -1.01
N PHE A 272 -2.35 -25.40 -1.26
CA PHE A 272 -2.83 -24.30 -0.43
C PHE A 272 -3.20 -24.71 0.98
N PRO A 273 -3.88 -25.85 1.12
CA PRO A 273 -4.27 -26.34 2.45
C PRO A 273 -3.04 -26.55 3.33
N LYS A 274 -1.93 -26.88 2.70
CA LYS A 274 -0.70 -27.09 3.43
C LYS A 274 -0.11 -25.73 3.76
N LEU A 275 -0.13 -24.82 2.79
CA LEU A 275 0.40 -23.48 3.00
C LEU A 275 -0.43 -22.73 4.06
N PHE A 276 -1.72 -23.03 4.14
CA PHE A 276 -2.60 -22.38 5.10
C PHE A 276 -3.45 -23.40 5.83
N PRO A 277 -2.84 -24.17 6.73
CA PRO A 277 -3.56 -25.20 7.50
C PRO A 277 -4.66 -24.64 8.39
N ASP A 278 -5.57 -25.49 8.81
CA ASP A 278 -6.67 -25.09 9.67
C ASP A 278 -6.17 -24.54 11.00
N SER A 279 -4.91 -24.84 11.36
CA SER A 279 -4.37 -24.31 12.62
C SER A 279 -4.14 -22.79 12.62
N LEU A 280 -4.02 -22.19 11.43
CA LEU A 280 -3.80 -20.75 11.33
C LEU A 280 -5.13 -19.99 11.33
N PHE A 281 -6.21 -20.72 11.22
CA PHE A 281 -7.53 -20.13 11.18
C PHE A 281 -8.30 -20.60 12.40
N PRO A 282 -9.35 -19.86 12.78
CA PRO A 282 -10.13 -20.29 13.95
C PRO A 282 -10.92 -21.54 13.48
N ALA A 283 -10.82 -22.63 14.23
CA ALA A 283 -11.55 -23.86 13.89
C ALA A 283 -12.59 -24.11 14.98
N ASP A 284 -13.00 -23.02 15.62
CA ASP A 284 -13.97 -23.11 16.69
C ASP A 284 -15.14 -24.04 16.37
N SER A 285 -15.76 -23.86 15.20
CA SER A 285 -16.93 -24.64 14.83
C SER A 285 -16.97 -25.01 13.36
N GLU A 286 -18.13 -25.45 12.90
CA GLU A 286 -18.31 -25.80 11.51
C GLU A 286 -18.37 -24.50 10.71
N HIS A 287 -19.03 -23.50 11.25
CA HIS A 287 -19.14 -22.21 10.57
C HIS A 287 -17.75 -21.66 10.30
N ASN A 288 -16.88 -21.72 11.31
CA ASN A 288 -15.50 -21.25 11.17
C ASN A 288 -14.65 -22.15 10.28
N LYS A 289 -14.99 -23.43 10.27
CA LYS A 289 -14.23 -24.36 9.45
C LYS A 289 -14.60 -24.08 8.02
N LEU A 290 -15.86 -23.75 7.81
CA LEU A 290 -16.33 -23.45 6.48
C LEU A 290 -15.72 -22.12 6.03
N LYS A 291 -15.68 -21.14 6.93
CA LYS A 291 -15.09 -19.83 6.58
C LYS A 291 -13.60 -19.93 6.27
N ALA A 292 -12.91 -20.83 6.97
CA ALA A 292 -11.48 -21.04 6.74
C ALA A 292 -11.24 -21.66 5.36
N SER A 293 -12.17 -22.48 4.88
CA SER A 293 -11.98 -23.07 3.57
C SER A 293 -12.26 -22.03 2.49
N GLN A 294 -13.23 -21.15 2.74
CA GLN A 294 -13.56 -20.10 1.77
C GLN A 294 -12.41 -19.06 1.68
N ALA A 295 -11.69 -18.88 2.78
CA ALA A 295 -10.57 -17.93 2.78
C ALA A 295 -9.46 -18.56 1.95
N ARG A 296 -9.24 -19.86 2.16
CA ARG A 296 -8.21 -20.61 1.45
C ARG A 296 -8.47 -20.56 -0.04
N ASP A 297 -9.75 -20.65 -0.41
CA ASP A 297 -10.16 -20.61 -1.80
C ASP A 297 -9.82 -19.22 -2.37
N LEU A 298 -10.17 -18.17 -1.63
CA LEU A 298 -9.87 -16.83 -2.07
C LEU A 298 -8.35 -16.67 -2.28
N LEU A 299 -7.55 -17.15 -1.33
CA LEU A 299 -6.09 -17.05 -1.48
C LEU A 299 -5.61 -17.74 -2.75
N SER A 300 -6.13 -18.93 -3.02
CA SER A 300 -5.71 -19.67 -4.19
C SER A 300 -6.11 -19.00 -5.51
N LYS A 301 -7.02 -18.04 -5.42
CA LYS A 301 -7.48 -17.35 -6.61
C LYS A 301 -6.74 -16.04 -6.83
N MET A 302 -6.14 -15.51 -5.76
CA MET A 302 -5.39 -14.26 -5.84
C MET A 302 -3.90 -14.56 -5.98
N LEU A 303 -3.43 -15.60 -5.29
CA LEU A 303 -1.99 -15.95 -5.38
C LEU A 303 -1.74 -16.90 -6.58
N VAL A 304 -1.96 -16.35 -7.76
CA VAL A 304 -1.77 -17.05 -9.02
C VAL A 304 -0.63 -16.31 -9.72
N ILE A 305 0.42 -17.04 -10.08
CA ILE A 305 1.58 -16.44 -10.72
C ILE A 305 1.22 -15.80 -12.05
N ASP A 306 0.48 -16.55 -12.88
CA ASP A 306 0.08 -16.04 -14.18
C ASP A 306 -1.19 -15.25 -14.04
N PRO A 307 -1.07 -13.93 -14.21
CA PRO A 307 -2.19 -12.98 -14.09
C PRO A 307 -3.39 -13.36 -14.97
N ALA A 308 -3.13 -14.03 -16.08
CA ALA A 308 -4.18 -14.44 -17.00
C ALA A 308 -5.22 -15.29 -16.26
N LYS A 309 -4.75 -15.99 -15.24
CA LYS A 309 -5.59 -16.88 -14.44
C LYS A 309 -5.92 -16.31 -13.06
N ARG A 310 -5.29 -15.19 -12.69
CA ARG A 310 -5.53 -14.56 -11.39
C ARG A 310 -6.87 -13.81 -11.45
N ILE A 311 -7.64 -13.92 -10.37
CA ILE A 311 -8.93 -13.29 -10.26
C ILE A 311 -8.82 -11.76 -10.30
N SER A 312 -9.93 -11.11 -10.64
CA SER A 312 -9.98 -9.65 -10.72
C SER A 312 -10.65 -9.09 -9.46
N VAL A 313 -10.53 -7.78 -9.28
CA VAL A 313 -11.09 -7.10 -8.12
C VAL A 313 -12.61 -7.26 -8.01
N ASP A 314 -13.29 -7.13 -9.14
CA ASP A 314 -14.75 -7.28 -9.21
C ASP A 314 -15.15 -8.69 -8.82
N ASP A 315 -14.34 -9.68 -9.18
CA ASP A 315 -14.67 -11.05 -8.84
C ASP A 315 -14.34 -11.31 -7.37
N ALA A 316 -13.23 -10.75 -6.91
CA ALA A 316 -12.80 -10.90 -5.53
C ALA A 316 -13.86 -10.33 -4.59
N LEU A 317 -14.43 -9.19 -4.97
CA LEU A 317 -15.44 -8.54 -4.15
C LEU A 317 -16.76 -9.30 -4.11
N GLN A 318 -16.92 -10.29 -4.98
CA GLN A 318 -18.13 -11.11 -5.04
C GLN A 318 -17.83 -12.44 -4.39
N HIS A 319 -16.57 -12.70 -4.07
CA HIS A 319 -16.21 -13.97 -3.47
C HIS A 319 -17.01 -14.13 -2.18
N PRO A 320 -17.53 -15.35 -1.97
CA PRO A 320 -18.33 -15.68 -0.78
C PRO A 320 -17.76 -15.14 0.50
N TYR A 321 -16.44 -15.30 0.68
CA TYR A 321 -15.75 -14.86 1.89
C TYR A 321 -15.78 -13.36 2.14
N ILE A 322 -15.84 -12.59 1.05
CA ILE A 322 -15.83 -11.13 1.07
C ILE A 322 -17.19 -10.50 0.82
N ASN A 323 -17.96 -11.15 -0.04
CA ASN A 323 -19.27 -10.66 -0.44
C ASN A 323 -20.13 -10.12 0.70
N VAL A 324 -20.02 -10.76 1.86
CA VAL A 324 -20.73 -10.40 3.08
C VAL A 324 -20.92 -8.91 3.38
N TRP A 325 -19.94 -8.10 3.02
CA TRP A 325 -20.01 -6.67 3.30
C TRP A 325 -20.27 -5.87 2.06
N TYR A 326 -20.73 -6.53 1.00
CA TYR A 326 -20.98 -5.85 -0.26
C TYR A 326 -22.03 -4.76 -0.09
N ASP A 327 -21.83 -3.67 -0.83
CA ASP A 327 -22.72 -2.52 -0.80
C ASP A 327 -22.52 -1.74 -2.09
N PRO A 328 -23.53 -1.77 -3.00
CA PRO A 328 -23.55 -1.09 -4.30
C PRO A 328 -23.31 0.43 -4.29
N ALA A 329 -23.15 1.00 -3.09
CA ALA A 329 -22.92 2.43 -2.95
C ALA A 329 -21.42 2.69 -2.80
N GLU A 330 -20.78 1.86 -1.98
CA GLU A 330 -19.35 1.95 -1.68
C GLU A 330 -18.46 1.29 -2.75
N VAL A 331 -19.08 0.58 -3.69
CA VAL A 331 -18.36 -0.11 -4.76
C VAL A 331 -18.63 0.60 -6.10
N GLU A 332 -19.88 0.54 -6.56
CA GLU A 332 -20.27 1.17 -7.82
C GLU A 332 -20.78 2.60 -7.59
N ALA A 333 -19.86 3.56 -7.76
CA ALA A 333 -20.18 4.98 -7.56
C ALA A 333 -19.33 5.82 -8.51
N PRO A 334 -19.76 7.07 -8.77
CA PRO A 334 -19.04 7.97 -9.66
C PRO A 334 -17.71 8.50 -9.05
N PRO A 335 -16.57 8.01 -9.59
CA PRO A 335 -15.24 8.43 -9.11
C PRO A 335 -15.00 9.93 -9.37
N PRO A 336 -13.90 10.50 -8.82
CA PRO A 336 -13.63 11.93 -9.04
C PRO A 336 -13.62 12.32 -10.52
N GLN A 337 -14.02 13.56 -10.80
CA GLN A 337 -14.04 14.10 -12.16
C GLN A 337 -12.63 14.12 -12.75
N GLN A 342 -4.04 18.50 -14.51
CA GLN A 342 -2.76 18.72 -13.75
C GLN A 342 -1.86 17.47 -13.73
N LEU A 343 -2.40 16.33 -14.18
CA LEU A 343 -1.64 15.08 -14.20
C LEU A 343 -0.33 15.15 -15.00
N ASP A 344 0.77 15.42 -14.30
CA ASP A 344 2.09 15.49 -14.96
C ASP A 344 2.59 14.10 -15.35
N GLU A 345 3.75 14.06 -16.01
CA GLU A 345 4.37 12.80 -16.42
C GLU A 345 5.76 13.11 -16.99
N ARG A 346 6.01 14.40 -17.21
CA ARG A 346 7.30 14.84 -17.73
C ARG A 346 8.33 14.82 -16.60
N GLU A 347 9.57 14.42 -16.91
CA GLU A 347 10.61 14.39 -15.89
C GLU A 347 11.10 15.82 -15.72
N HIS A 348 11.49 16.15 -14.49
CA HIS A 348 12.01 17.48 -14.22
C HIS A 348 13.24 17.35 -13.37
N THR A 349 13.98 18.44 -13.26
CA THR A 349 15.18 18.47 -12.45
C THR A 349 14.80 18.83 -11.01
N ILE A 350 15.75 18.67 -10.10
CA ILE A 350 15.52 19.00 -8.70
C ILE A 350 14.85 20.36 -8.53
N GLU A 351 15.45 21.38 -9.17
CA GLU A 351 14.99 22.77 -9.11
C GLU A 351 13.58 22.99 -9.61
N GLU A 352 13.19 22.32 -10.69
CA GLU A 352 11.85 22.46 -11.24
C GLU A 352 10.86 21.78 -10.32
N TRP A 353 11.26 20.64 -9.79
CA TRP A 353 10.46 19.86 -8.87
C TRP A 353 10.20 20.66 -7.60
N LYS A 354 11.22 21.38 -7.13
CA LYS A 354 11.11 22.16 -5.91
C LYS A 354 10.13 23.30 -6.06
N GLU A 355 10.09 23.92 -7.23
CA GLU A 355 9.18 25.01 -7.43
C GLU A 355 7.78 24.44 -7.64
N LEU A 356 7.68 23.34 -8.38
CA LEU A 356 6.38 22.72 -8.62
C LEU A 356 5.73 22.33 -7.29
N ILE A 357 6.50 21.71 -6.41
CA ILE A 357 6.00 21.30 -5.11
C ILE A 357 5.65 22.51 -4.27
N TYR A 358 6.51 23.51 -4.29
CA TYR A 358 6.28 24.74 -3.53
C TYR A 358 4.98 25.43 -3.98
N LYS A 359 4.81 25.62 -5.28
CA LYS A 359 3.61 26.25 -5.81
C LYS A 359 2.37 25.44 -5.48
N GLU A 360 2.52 24.13 -5.43
CA GLU A 360 1.43 23.24 -5.09
C GLU A 360 1.02 23.46 -3.64
N VAL A 361 2.01 23.48 -2.76
CA VAL A 361 1.79 23.68 -1.34
C VAL A 361 1.23 25.07 -1.07
N MET A 362 1.75 26.08 -1.76
CA MET A 362 1.27 27.45 -1.58
C MET A 362 -0.03 27.72 -2.34
N ASN A 363 -0.38 26.82 -3.27
CA ASN A 363 -1.59 26.95 -4.08
C ASN A 363 -1.56 28.20 -4.98
C1 537 B . -0.65 4.24 13.54
C2 537 B . -1.39 5.26 12.85
C3 537 B . -0.86 5.86 11.69
C4 537 B . 0.44 5.43 11.18
C5 537 B . 1.16 4.42 11.88
C6 537 B . 0.62 3.83 13.06
C11 537 B . -1.02 7.45 9.80
C12 537 B . -1.78 8.42 9.18
C13 537 B . -1.38 9.09 8.03
C14 537 B . -0.11 8.75 7.44
C15 537 B . 0.72 7.75 8.03
C16 537 B . 0.27 7.08 9.22
C20 537 B . 1.04 6.02 9.93
C21 537 B . -1.63 6.92 10.95
O22 537 B . 2.14 5.65 9.51
N23 537 B . -2.84 7.57 11.11
N24 537 B . -2.88 8.47 10.02
#